data_8SIX
#
_entry.id   8SIX
#
_cell.length_a   45.040
_cell.length_b   66.090
_cell.length_c   55.220
_cell.angle_alpha   90.00
_cell.angle_beta   100.24
_cell.angle_gamma   90.00
#
_symmetry.space_group_name_H-M   'P 1 21 1'
#
loop_
_entity.id
_entity.type
_entity.pdbx_description
1 polymer 'Serine/threonine-protein kinase Chk1'
2 non-polymer (1S)-N-(7-chloro-6-{4-[(3R,4R)-4-hydroxy-3-methyloxolan-3-yl]piperazin-1-yl}isoquinolin-3-yl)-6-oxaspiro[2.5]octane-1-carboxamide
3 water water
#
_entity_poly.entity_id   1
_entity_poly.type   'polypeptide(L)'
_entity_poly.pdbx_seq_one_letter_code
;MAVPFVEDWDLVQTLGEGAYGEVQLAVNRVTEEAVAVKIVDMKRAVDCPENIKKEICILKMLNHENVIKFYGHRREGNIQ
YLFMELASGGSLFDRIEPDIGMPEPDAQRFFHQLMAGVVYLHGIGITHRDIKPHNLLLDERDNLKIADYSLATVFRYNNR
ERLLNKMCGTLPYVAPELLKRREFHAEPVDVWSCGIVLTAMLAGELPWDQPSDSCQEYSDWKEKKTYLNPWKKIDSAPLA
LLHKILVENPSARITIPDIKKDRWYNKPLKKGAKRPRVTSGGVSESPSGHHHHHHHH
;
_entity_poly.pdbx_strand_id   A
#
loop_
_chem_comp.id
_chem_comp.type
_chem_comp.name
_chem_comp.formula
ZXP non-polymer (1S)-N-(7-chloro-6-{4-[(3R,4R)-4-hydroxy-3-methyloxolan-3-yl]piperazin-1-yl}isoquinolin-3-yl)-6-oxaspiro[2.5]octane-1-carboxamide 'C26 H33 Cl N4 O4'
#
# COMPACT_ATOMS: atom_id res chain seq x y z
N ASP A 8 20.88 6.34 -23.82
CA ASP A 8 19.63 5.63 -24.12
C ASP A 8 18.37 6.22 -23.48
N TRP A 9 18.48 6.84 -22.28
CA TRP A 9 17.28 7.32 -21.58
C TRP A 9 17.24 8.86 -21.32
N ASP A 10 17.68 9.37 -20.16
CA ASP A 10 17.64 10.79 -19.73
C ASP A 10 16.57 11.02 -18.65
N LEU A 11 17.03 11.44 -17.46
CA LEU A 11 16.22 11.72 -16.26
C LEU A 11 15.52 13.08 -16.46
N VAL A 12 14.21 13.02 -16.78
CA VAL A 12 13.38 14.18 -17.09
C VAL A 12 12.79 14.86 -15.84
N GLN A 13 12.24 14.06 -14.89
CA GLN A 13 11.61 14.56 -13.67
C GLN A 13 11.67 13.51 -12.56
N THR A 14 11.75 13.95 -11.29
CA THR A 14 11.72 13.06 -10.15
C THR A 14 10.25 12.72 -9.84
N LEU A 15 9.96 11.42 -9.69
CA LEU A 15 8.62 10.89 -9.39
C LEU A 15 8.45 10.62 -7.89
N GLY A 16 9.58 10.50 -7.17
CA GLY A 16 9.61 10.24 -5.74
C GLY A 16 10.89 9.59 -5.27
N GLU A 17 11.13 9.66 -3.94
CA GLU A 17 12.34 9.13 -3.30
C GLU A 17 12.02 8.18 -2.14
N GLY A 18 12.76 7.06 -2.11
CA GLY A 18 12.66 6.04 -1.07
C GLY A 18 13.91 5.95 -0.21
N ALA A 19 13.99 4.91 0.66
CA ALA A 19 15.12 4.66 1.56
C ALA A 19 16.40 4.45 0.78
N TYR A 20 16.39 3.48 -0.15
CA TYR A 20 17.51 3.18 -1.02
C TYR A 20 17.11 3.60 -2.43
N GLY A 21 17.75 4.66 -2.92
CA GLY A 21 17.55 5.20 -4.26
C GLY A 21 16.44 6.22 -4.46
N GLU A 22 16.19 6.55 -5.73
CA GLU A 22 15.21 7.52 -6.21
C GLU A 22 14.50 6.95 -7.46
N VAL A 23 13.20 7.27 -7.61
CA VAL A 23 12.39 6.88 -8.77
C VAL A 23 12.28 8.12 -9.68
N GLN A 24 12.66 7.97 -10.95
CA GLN A 24 12.63 9.07 -11.90
C GLN A 24 11.92 8.74 -13.20
N LEU A 25 11.35 9.77 -13.84
CA LEU A 25 10.70 9.66 -15.14
C LEU A 25 11.81 9.64 -16.20
N ALA A 26 11.92 8.53 -16.95
CA ALA A 26 12.93 8.39 -18.00
C ALA A 26 12.27 8.28 -19.38
N VAL A 27 12.63 9.20 -20.27
CA VAL A 27 12.12 9.27 -21.64
C VAL A 27 13.23 8.75 -22.57
N ASN A 28 12.95 7.71 -23.39
CA ASN A 28 13.93 7.13 -24.32
C ASN A 28 14.46 8.15 -25.34
N ARG A 29 15.80 8.25 -25.48
CA ARG A 29 16.49 9.19 -26.39
C ARG A 29 16.20 8.95 -27.89
N VAL A 30 15.62 7.78 -28.25
CA VAL A 30 15.31 7.37 -29.63
C VAL A 30 13.79 7.23 -29.86
N THR A 31 13.10 6.53 -28.95
CA THR A 31 11.68 6.18 -29.04
C THR A 31 10.72 7.17 -28.37
N GLU A 32 11.23 8.02 -27.44
CA GLU A 32 10.44 8.98 -26.64
C GLU A 32 9.52 8.26 -25.62
N GLU A 33 9.69 6.92 -25.51
CA GLU A 33 8.95 6.05 -24.59
C GLU A 33 9.28 6.49 -23.15
N ALA A 34 8.24 6.92 -22.41
CA ALA A 34 8.40 7.39 -21.04
C ALA A 34 8.12 6.26 -20.05
N VAL A 35 9.07 5.99 -19.15
CA VAL A 35 8.99 4.93 -18.14
C VAL A 35 9.42 5.44 -16.76
N ALA A 36 9.20 4.62 -15.71
CA ALA A 36 9.62 4.92 -14.35
C ALA A 36 10.87 4.09 -14.06
N VAL A 37 11.96 4.76 -13.66
CA VAL A 37 13.20 4.05 -13.37
C VAL A 37 13.65 4.29 -11.94
N LYS A 38 13.91 3.21 -11.18
CA LYS A 38 14.40 3.29 -9.81
C LYS A 38 15.93 3.16 -9.88
N ILE A 39 16.65 4.23 -9.53
CA ILE A 39 18.12 4.29 -9.57
C ILE A 39 18.67 4.12 -8.15
N VAL A 40 19.34 2.98 -7.87
CA VAL A 40 19.89 2.66 -6.55
C VAL A 40 21.42 2.49 -6.58
N ASP A 41 22.13 3.22 -5.70
CA ASP A 41 23.59 3.14 -5.53
C ASP A 41 23.90 2.00 -4.56
N MET A 42 25.07 1.34 -4.72
CA MET A 42 25.58 0.21 -3.91
C MET A 42 24.71 -1.03 -4.05
N PRO A 49 22.24 -4.08 -1.81
CA PRO A 49 23.14 -5.21 -2.15
C PRO A 49 22.41 -6.54 -2.00
N GLU A 50 22.24 -7.01 -0.75
CA GLU A 50 21.48 -8.23 -0.44
C GLU A 50 19.97 -7.90 -0.62
N ASN A 51 19.61 -6.62 -0.37
CA ASN A 51 18.24 -6.12 -0.49
C ASN A 51 17.80 -5.89 -1.93
N ILE A 52 18.72 -5.40 -2.82
CA ILE A 52 18.36 -5.20 -4.23
C ILE A 52 18.22 -6.54 -4.95
N LYS A 53 18.97 -7.57 -4.51
CA LYS A 53 18.91 -8.94 -5.04
C LYS A 53 17.53 -9.53 -4.69
N LYS A 54 17.05 -9.26 -3.46
CA LYS A 54 15.75 -9.67 -2.91
C LYS A 54 14.61 -8.97 -3.66
N GLU A 55 14.72 -7.62 -3.83
CA GLU A 55 13.74 -6.78 -4.53
C GLU A 55 13.57 -7.20 -6.00
N ILE A 56 14.69 -7.46 -6.72
CA ILE A 56 14.68 -7.90 -8.12
C ILE A 56 13.95 -9.25 -8.24
N CYS A 57 14.26 -10.18 -7.31
CA CYS A 57 13.68 -11.50 -7.22
C CYS A 57 12.14 -11.42 -7.11
N ILE A 58 11.64 -10.59 -6.18
CA ILE A 58 10.21 -10.39 -5.96
C ILE A 58 9.54 -9.73 -7.18
N LEU A 59 10.19 -8.72 -7.78
CA LEU A 59 9.68 -8.01 -8.96
C LEU A 59 9.45 -8.92 -10.17
N LYS A 60 10.31 -9.97 -10.32
CA LYS A 60 10.22 -10.96 -11.41
C LYS A 60 9.08 -11.98 -11.19
N MET A 61 8.62 -12.17 -9.93
CA MET A 61 7.53 -13.09 -9.53
C MET A 61 6.15 -12.52 -9.89
N LEU A 62 6.03 -11.19 -9.96
CA LEU A 62 4.78 -10.45 -10.09
C LEU A 62 4.14 -10.42 -11.49
N ASN A 63 2.84 -10.78 -11.53
CA ASN A 63 2.01 -10.79 -12.74
C ASN A 63 0.52 -10.72 -12.36
N HIS A 64 0.01 -9.48 -12.22
CA HIS A 64 -1.38 -9.21 -11.87
C HIS A 64 -1.82 -7.84 -12.36
N GLU A 65 -3.10 -7.71 -12.71
CA GLU A 65 -3.70 -6.44 -13.16
C GLU A 65 -3.60 -5.28 -12.12
N ASN A 66 -3.47 -5.59 -10.81
CA ASN A 66 -3.39 -4.57 -9.74
C ASN A 66 -2.01 -4.51 -9.05
N VAL A 67 -0.97 -4.80 -9.83
CA VAL A 67 0.44 -4.77 -9.41
C VAL A 67 1.21 -4.13 -10.57
N ILE A 68 2.13 -3.16 -10.29
CA ILE A 68 2.92 -2.49 -11.36
C ILE A 68 3.70 -3.50 -12.18
N LYS A 69 3.82 -3.22 -13.48
CA LYS A 69 4.56 -4.08 -14.38
C LYS A 69 6.05 -3.75 -14.29
N PHE A 70 6.86 -4.78 -14.15
CA PHE A 70 8.33 -4.72 -14.08
C PHE A 70 8.86 -5.13 -15.45
N TYR A 71 9.64 -4.25 -16.09
CA TYR A 71 10.20 -4.52 -17.41
C TYR A 71 11.49 -5.32 -17.32
N GLY A 72 12.46 -4.81 -16.56
CA GLY A 72 13.74 -5.47 -16.36
C GLY A 72 14.72 -4.67 -15.52
N HIS A 73 15.98 -5.12 -15.50
CA HIS A 73 17.05 -4.48 -14.74
C HIS A 73 18.41 -4.47 -15.47
N ARG A 74 19.14 -3.34 -15.35
CA ARG A 74 20.47 -3.14 -15.92
C ARG A 74 21.41 -2.68 -14.81
N ARG A 75 22.61 -3.29 -14.74
CA ARG A 75 23.62 -2.92 -13.75
C ARG A 75 24.78 -2.16 -14.40
N GLU A 76 25.27 -1.12 -13.72
CA GLU A 76 26.41 -0.29 -14.14
C GLU A 76 27.30 -0.04 -12.93
N GLY A 77 28.19 -1.00 -12.66
CA GLY A 77 29.12 -0.98 -11.54
C GLY A 77 28.40 -1.14 -10.21
N ASN A 78 28.35 -0.05 -9.43
CA ASN A 78 27.68 0.00 -8.13
C ASN A 78 26.22 0.49 -8.27
N ILE A 79 25.86 1.04 -9.46
CA ILE A 79 24.54 1.57 -9.77
C ILE A 79 23.60 0.50 -10.35
N GLN A 80 22.39 0.41 -9.79
CA GLN A 80 21.35 -0.51 -10.20
C GLN A 80 20.14 0.24 -10.77
N TYR A 81 19.66 -0.19 -11.95
CA TYR A 81 18.51 0.41 -12.63
C TYR A 81 17.35 -0.57 -12.64
N LEU A 82 16.18 -0.13 -12.16
CA LEU A 82 14.97 -0.97 -12.14
C LEU A 82 13.90 -0.31 -13.00
N PHE A 83 13.54 -0.98 -14.12
CA PHE A 83 12.58 -0.48 -15.11
C PHE A 83 11.16 -0.92 -14.78
N MET A 84 10.27 0.06 -14.62
CA MET A 84 8.89 -0.19 -14.26
C MET A 84 7.90 0.59 -15.13
N GLU A 85 6.66 0.11 -15.15
CA GLU A 85 5.51 0.69 -15.85
C GLU A 85 5.27 2.10 -15.38
N LEU A 86 5.11 3.04 -16.32
CA LEU A 86 4.78 4.41 -15.95
C LEU A 86 3.26 4.49 -15.89
N ALA A 87 2.73 4.82 -14.72
CA ALA A 87 1.29 4.94 -14.49
C ALA A 87 0.89 6.40 -14.78
N SER A 88 0.16 6.63 -15.90
CA SER A 88 -0.22 7.98 -16.36
C SER A 88 -1.14 8.74 -15.41
N GLY A 89 -1.95 8.01 -14.64
CA GLY A 89 -2.87 8.60 -13.67
C GLY A 89 -2.21 9.11 -12.41
N GLY A 90 -0.92 8.81 -12.23
CA GLY A 90 -0.19 9.21 -11.03
C GLY A 90 -0.55 8.42 -9.79
N SER A 91 -0.45 9.02 -8.62
CA SER A 91 -0.70 8.32 -7.36
C SER A 91 -2.09 8.53 -6.76
N LEU A 92 -2.52 7.57 -5.93
CA LEU A 92 -3.78 7.66 -5.17
C LEU A 92 -3.68 8.85 -4.22
N PHE A 93 -2.46 9.12 -3.69
CA PHE A 93 -2.21 10.27 -2.80
C PHE A 93 -2.72 11.56 -3.43
N ASP A 94 -2.42 11.76 -4.72
CA ASP A 94 -2.79 12.98 -5.45
C ASP A 94 -4.29 13.04 -5.84
N ARG A 95 -5.07 11.95 -5.59
CA ARG A 95 -6.52 11.93 -5.84
C ARG A 95 -7.30 12.21 -4.58
N ILE A 96 -6.63 12.18 -3.43
CA ILE A 96 -7.27 12.43 -2.14
C ILE A 96 -7.27 13.96 -1.90
N GLU A 97 -8.46 14.55 -1.74
CA GLU A 97 -8.58 15.98 -1.46
C GLU A 97 -8.36 16.20 0.05
N PRO A 98 -7.31 16.97 0.50
CA PRO A 98 -7.11 17.15 1.94
C PRO A 98 -8.36 17.59 2.68
N ASP A 99 -8.62 16.96 3.85
CA ASP A 99 -9.77 17.17 4.72
C ASP A 99 -11.14 16.72 4.14
N ILE A 100 -11.19 16.32 2.86
CA ILE A 100 -12.43 15.87 2.21
C ILE A 100 -12.38 14.36 1.84
N GLY A 101 -11.32 13.95 1.14
CA GLY A 101 -11.19 12.58 0.64
C GLY A 101 -11.54 12.53 -0.84
N MET A 102 -12.53 11.70 -1.19
CA MET A 102 -12.99 11.52 -2.56
C MET A 102 -14.41 10.96 -2.57
N PRO A 103 -15.13 10.97 -3.72
CA PRO A 103 -16.49 10.38 -3.74
C PRO A 103 -16.43 8.91 -3.35
N GLU A 104 -17.31 8.51 -2.44
CA GLU A 104 -17.43 7.14 -1.93
C GLU A 104 -17.41 6.04 -3.01
N PRO A 105 -18.11 6.17 -4.20
CA PRO A 105 -18.01 5.12 -5.22
C PRO A 105 -16.59 4.98 -5.77
N ASP A 106 -15.84 6.10 -5.91
CA ASP A 106 -14.44 6.01 -6.38
C ASP A 106 -13.57 5.29 -5.31
N ALA A 107 -13.80 5.61 -4.02
CA ALA A 107 -13.07 4.99 -2.90
C ALA A 107 -13.38 3.49 -2.83
N GLN A 108 -14.66 3.11 -3.04
CA GLN A 108 -15.02 1.69 -3.04
C GLN A 108 -14.31 0.91 -4.15
N ARG A 109 -14.29 1.48 -5.37
CA ARG A 109 -13.70 0.82 -6.53
C ARG A 109 -12.17 0.62 -6.33
N PHE A 110 -11.50 1.69 -5.83
CA PHE A 110 -10.07 1.64 -5.51
C PHE A 110 -9.81 0.62 -4.41
N PHE A 111 -10.72 0.52 -3.43
CA PHE A 111 -10.59 -0.47 -2.34
C PHE A 111 -10.77 -1.90 -2.88
N HIS A 112 -11.79 -2.13 -3.76
CA HIS A 112 -11.98 -3.44 -4.40
C HIS A 112 -10.65 -3.85 -5.14
N GLN A 113 -10.03 -2.91 -5.88
CA GLN A 113 -8.79 -3.17 -6.64
C GLN A 113 -7.57 -3.41 -5.74
N LEU A 114 -7.52 -2.70 -4.60
CA LEU A 114 -6.46 -2.85 -3.59
C LEU A 114 -6.51 -4.23 -2.99
N MET A 115 -7.73 -4.66 -2.60
CA MET A 115 -7.98 -6.01 -2.06
C MET A 115 -7.55 -7.08 -3.09
N ALA A 116 -7.90 -6.88 -4.38
CA ALA A 116 -7.52 -7.81 -5.46
C ALA A 116 -5.98 -7.95 -5.57
N GLY A 117 -5.28 -6.82 -5.50
CA GLY A 117 -3.82 -6.83 -5.56
C GLY A 117 -3.19 -7.48 -4.34
N VAL A 118 -3.73 -7.18 -3.13
CA VAL A 118 -3.24 -7.74 -1.85
C VAL A 118 -3.51 -9.27 -1.76
N VAL A 119 -4.73 -9.71 -2.18
CA VAL A 119 -5.05 -11.16 -2.24
C VAL A 119 -4.00 -11.85 -3.14
N TYR A 120 -3.70 -11.27 -4.33
CA TYR A 120 -2.71 -11.82 -5.26
C TYR A 120 -1.33 -11.97 -4.59
N LEU A 121 -0.84 -10.89 -3.95
CA LEU A 121 0.47 -10.90 -3.28
C LEU A 121 0.50 -11.94 -2.18
N HIS A 122 -0.53 -11.94 -1.32
CA HIS A 122 -0.62 -12.92 -0.22
C HIS A 122 -0.73 -14.35 -0.75
N GLY A 123 -1.35 -14.50 -1.92
CA GLY A 123 -1.52 -15.80 -2.57
C GLY A 123 -0.21 -16.39 -3.04
N ILE A 124 0.79 -15.54 -3.39
CA ILE A 124 2.13 -15.99 -3.82
C ILE A 124 3.13 -15.95 -2.63
N GLY A 125 2.61 -15.68 -1.43
CA GLY A 125 3.36 -15.65 -0.17
C GLY A 125 4.24 -14.44 0.03
N ILE A 126 3.87 -13.30 -0.60
CA ILE A 126 4.58 -12.05 -0.52
C ILE A 126 3.76 -11.05 0.32
N THR A 127 4.43 -10.36 1.26
CA THR A 127 3.84 -9.25 2.03
C THR A 127 4.50 -7.95 1.56
N HIS A 128 3.69 -6.90 1.27
CA HIS A 128 4.23 -5.62 0.78
C HIS A 128 4.97 -4.84 1.90
N ARG A 129 4.37 -4.77 3.11
CA ARG A 129 4.89 -4.16 4.35
C ARG A 129 4.91 -2.60 4.39
N ASP A 130 4.45 -1.91 3.33
CA ASP A 130 4.43 -0.44 3.35
C ASP A 130 3.34 0.14 2.46
N ILE A 131 2.13 -0.48 2.50
CA ILE A 131 1.00 0.02 1.73
C ILE A 131 0.59 1.42 2.22
N LYS A 132 0.53 2.38 1.28
CA LYS A 132 0.10 3.75 1.55
C LYS A 132 -0.27 4.42 0.22
N PRO A 133 -1.01 5.56 0.22
CA PRO A 133 -1.43 6.18 -1.05
C PRO A 133 -0.31 6.59 -2.00
N HIS A 134 0.92 6.85 -1.47
CA HIS A 134 2.07 7.20 -2.30
C HIS A 134 2.53 6.06 -3.22
N ASN A 135 2.31 4.78 -2.86
CA ASN A 135 2.77 3.68 -3.72
C ASN A 135 1.61 2.88 -4.36
N LEU A 136 0.44 3.50 -4.43
CA LEU A 136 -0.73 2.93 -5.11
C LEU A 136 -0.94 3.87 -6.29
N LEU A 137 -0.59 3.39 -7.48
CA LEU A 137 -0.60 4.21 -8.69
C LEU A 137 -1.76 3.88 -9.59
N LEU A 138 -2.10 4.81 -10.48
CA LEU A 138 -3.23 4.67 -11.39
C LEU A 138 -2.83 4.69 -12.84
N ASP A 139 -3.36 3.73 -13.63
CA ASP A 139 -3.11 3.67 -15.07
C ASP A 139 -4.05 4.66 -15.84
N GLU A 140 -4.11 4.58 -17.19
CA GLU A 140 -4.95 5.49 -18.00
C GLU A 140 -6.47 5.30 -17.77
N ARG A 141 -6.86 4.08 -17.39
CA ARG A 141 -8.26 3.69 -17.13
C ARG A 141 -8.57 3.73 -15.62
N ASP A 142 -7.77 4.51 -14.82
CA ASP A 142 -7.92 4.65 -13.36
C ASP A 142 -7.82 3.32 -12.57
N ASN A 143 -7.11 2.31 -13.13
CA ASN A 143 -6.93 1.03 -12.44
C ASN A 143 -5.77 1.17 -11.47
N LEU A 144 -5.98 0.73 -10.22
CA LEU A 144 -5.00 0.82 -9.15
C LEU A 144 -3.92 -0.24 -9.32
N LYS A 145 -2.68 0.13 -9.03
CA LYS A 145 -1.54 -0.76 -9.13
C LYS A 145 -0.62 -0.60 -7.92
N ILE A 146 -0.36 -1.71 -7.21
CA ILE A 146 0.52 -1.70 -6.05
C ILE A 146 1.98 -1.62 -6.53
N ALA A 147 2.66 -0.52 -6.16
CA ALA A 147 4.08 -0.28 -6.49
C ALA A 147 4.97 -0.29 -5.24
N ASP A 148 6.31 -0.19 -5.45
CA ASP A 148 7.36 -0.10 -4.43
C ASP A 148 7.49 -1.36 -3.56
N TYR A 149 8.33 -2.31 -4.02
CA TYR A 149 8.59 -3.62 -3.41
C TYR A 149 9.91 -3.66 -2.65
N SER A 150 10.42 -2.49 -2.27
CA SER A 150 11.70 -2.35 -1.55
C SER A 150 11.66 -2.94 -0.14
N LEU A 151 10.46 -3.01 0.46
CA LEU A 151 10.29 -3.57 1.80
C LEU A 151 9.60 -4.92 1.77
N ALA A 152 9.12 -5.34 0.59
CA ALA A 152 8.44 -6.60 0.41
C ALA A 152 9.31 -7.78 0.85
N THR A 153 8.67 -8.82 1.40
CA THR A 153 9.39 -10.04 1.83
C THR A 153 8.50 -11.27 1.68
N VAL A 154 9.13 -12.47 1.75
CA VAL A 154 8.44 -13.74 1.66
C VAL A 154 7.94 -14.06 3.06
N PHE A 155 6.65 -14.36 3.22
CA PHE A 155 6.11 -14.76 4.53
C PHE A 155 5.61 -16.20 4.46
N ARG A 156 5.54 -16.76 3.25
CA ARG A 156 5.12 -18.16 3.08
C ARG A 156 5.93 -18.80 2.00
N TYR A 157 6.46 -20.02 2.29
CA TYR A 157 7.28 -20.77 1.32
C TYR A 157 7.07 -22.24 1.60
N ASN A 158 6.85 -23.05 0.55
CA ASN A 158 6.54 -24.48 0.66
C ASN A 158 5.36 -24.73 1.61
N ASN A 159 4.34 -23.85 1.50
CA ASN A 159 3.11 -23.91 2.29
C ASN A 159 3.33 -23.72 3.81
N ARG A 160 4.48 -23.15 4.17
CA ARG A 160 4.83 -22.94 5.56
C ARG A 160 5.01 -21.45 5.83
N GLU A 161 4.23 -20.93 6.78
CA GLU A 161 4.27 -19.52 7.16
C GLU A 161 5.49 -19.23 8.03
N ARG A 162 6.11 -18.06 7.79
CA ARG A 162 7.24 -17.52 8.55
C ARG A 162 6.74 -16.22 9.21
N LEU A 163 6.96 -16.06 10.52
CA LEU A 163 6.56 -14.83 11.23
C LEU A 163 7.58 -13.73 10.94
N LEU A 164 7.13 -12.47 10.88
CA LEU A 164 8.05 -11.36 10.65
C LEU A 164 8.57 -10.85 12.00
N ASN A 165 9.75 -10.23 12.01
CA ASN A 165 10.29 -9.63 13.23
C ASN A 165 10.81 -8.21 12.98
N LYS A 166 11.08 -7.88 11.72
CA LYS A 166 11.64 -6.59 11.33
C LYS A 166 10.62 -5.46 11.47
N MET A 167 11.10 -4.30 11.97
CA MET A 167 10.36 -3.05 12.09
C MET A 167 10.50 -2.32 10.79
N CYS A 168 9.37 -2.03 10.13
CA CYS A 168 9.40 -1.25 8.88
C CYS A 168 8.01 -0.79 8.51
N GLY A 169 7.97 0.18 7.61
CA GLY A 169 6.71 0.76 7.18
C GLY A 169 6.72 2.25 7.42
N THR A 170 5.51 2.81 7.59
CA THR A 170 5.30 4.24 7.79
C THR A 170 4.34 4.34 8.98
N LEU A 171 4.80 4.98 10.07
CA LEU A 171 4.12 5.06 11.36
C LEU A 171 2.58 5.26 11.33
N PRO A 172 2.00 6.24 10.58
CA PRO A 172 0.52 6.38 10.55
C PRO A 172 -0.23 5.17 9.97
N TYR A 173 0.47 4.35 9.15
CA TYR A 173 -0.05 3.17 8.45
C TYR A 173 0.25 1.83 9.11
N VAL A 174 1.24 1.79 10.04
CA VAL A 174 1.64 0.51 10.68
C VAL A 174 0.63 0.01 11.67
N ALA A 175 0.52 -1.32 11.74
CA ALA A 175 -0.33 -2.02 12.69
C ALA A 175 0.31 -1.96 14.11
N PRO A 176 -0.52 -1.87 15.18
CA PRO A 176 0.05 -1.73 16.54
C PRO A 176 0.91 -2.88 17.05
N GLU A 177 0.65 -4.12 16.58
CA GLU A 177 1.44 -5.29 16.98
C GLU A 177 2.92 -5.18 16.56
N LEU A 178 3.19 -4.45 15.46
CA LEU A 178 4.53 -4.23 14.94
C LEU A 178 5.36 -3.43 15.96
N LEU A 179 4.71 -2.55 16.75
CA LEU A 179 5.39 -1.76 17.79
C LEU A 179 5.46 -2.52 19.15
N LYS A 180 4.62 -3.57 19.34
CA LYS A 180 4.53 -4.29 20.62
C LYS A 180 5.16 -5.67 20.69
N ARG A 181 4.98 -6.47 19.63
CA ARG A 181 5.37 -7.87 19.54
C ARG A 181 6.70 -8.10 18.87
N ARG A 182 7.50 -9.03 19.43
CA ARG A 182 8.80 -9.42 18.89
C ARG A 182 8.64 -10.05 17.52
N GLU A 183 7.58 -10.89 17.34
CA GLU A 183 7.22 -11.55 16.09
C GLU A 183 5.73 -11.43 15.87
N PHE A 184 5.33 -11.33 14.61
CA PHE A 184 3.92 -11.15 14.24
C PHE A 184 3.66 -11.70 12.82
N HIS A 185 2.39 -12.02 12.56
CA HIS A 185 1.89 -12.50 11.26
C HIS A 185 1.88 -11.36 10.25
N ALA A 186 2.31 -11.65 9.00
CA ALA A 186 2.40 -10.67 7.92
C ALA A 186 1.05 -10.15 7.42
N GLU A 187 0.11 -11.06 7.14
CA GLU A 187 -1.16 -10.68 6.51
C GLU A 187 -1.98 -9.63 7.31
N PRO A 188 -2.19 -9.74 8.65
CA PRO A 188 -2.97 -8.71 9.35
C PRO A 188 -2.35 -7.30 9.32
N VAL A 189 -1.03 -7.21 9.16
CA VAL A 189 -0.29 -5.94 9.06
C VAL A 189 -0.69 -5.22 7.74
N ASP A 190 -0.70 -5.97 6.62
CA ASP A 190 -1.13 -5.40 5.32
C ASP A 190 -2.60 -5.05 5.33
N VAL A 191 -3.45 -5.86 6.01
CA VAL A 191 -4.91 -5.59 6.15
C VAL A 191 -5.08 -4.23 6.87
N TRP A 192 -4.35 -4.04 7.99
CA TRP A 192 -4.38 -2.81 8.77
C TRP A 192 -4.05 -1.58 7.91
N SER A 193 -2.90 -1.61 7.15
CA SER A 193 -2.51 -0.45 6.29
C SER A 193 -3.60 -0.15 5.25
N CYS A 194 -4.26 -1.22 4.70
CA CYS A 194 -5.38 -1.00 3.76
C CYS A 194 -6.52 -0.22 4.43
N GLY A 195 -6.75 -0.49 5.73
CA GLY A 195 -7.74 0.22 6.55
C GLY A 195 -7.45 1.71 6.68
N ILE A 196 -6.18 2.03 6.92
CA ILE A 196 -5.73 3.44 7.01
C ILE A 196 -5.89 4.10 5.64
N VAL A 197 -5.54 3.37 4.53
CA VAL A 197 -5.72 3.91 3.17
C VAL A 197 -7.21 4.25 2.94
N LEU A 198 -8.11 3.33 3.32
CA LEU A 198 -9.57 3.52 3.20
C LEU A 198 -10.03 4.77 4.00
N THR A 199 -9.52 4.93 5.24
CA THR A 199 -9.84 6.12 6.04
C THR A 199 -9.42 7.40 5.27
N ALA A 200 -8.16 7.39 4.71
CA ALA A 200 -7.59 8.51 3.95
C ALA A 200 -8.46 8.85 2.74
N MET A 201 -8.90 7.81 1.98
CA MET A 201 -9.78 8.02 0.82
C MET A 201 -11.15 8.61 1.23
N LEU A 202 -11.69 8.24 2.41
CA LEU A 202 -13.03 8.71 2.78
C LEU A 202 -13.08 9.98 3.65
N ALA A 203 -11.93 10.40 4.19
CA ALA A 203 -11.85 11.56 5.07
C ALA A 203 -10.79 12.60 4.68
N GLY A 204 -9.84 12.25 3.81
CA GLY A 204 -8.76 13.15 3.39
C GLY A 204 -7.85 13.56 4.54
N GLU A 205 -7.77 12.68 5.54
CA GLU A 205 -7.07 12.90 6.78
C GLU A 205 -6.64 11.54 7.35
N LEU A 206 -5.44 11.51 7.97
CA LEU A 206 -4.95 10.31 8.66
C LEU A 206 -5.45 10.32 10.10
N PRO A 207 -5.88 9.18 10.67
CA PRO A 207 -6.46 9.21 12.04
C PRO A 207 -5.49 9.46 13.21
N TRP A 208 -4.22 9.06 13.11
CA TRP A 208 -3.26 9.21 14.20
C TRP A 208 -1.83 9.20 13.69
N ASP A 209 -0.89 9.75 14.48
CA ASP A 209 0.52 9.75 14.11
C ASP A 209 1.09 8.33 14.20
N GLN A 210 0.58 7.53 15.15
CA GLN A 210 1.01 6.15 15.37
C GLN A 210 0.00 5.40 16.22
N PRO A 211 -0.17 4.06 16.08
CA PRO A 211 -1.21 3.36 16.87
C PRO A 211 -0.66 2.92 18.25
N SER A 212 -0.31 3.92 19.07
CA SER A 212 0.23 3.65 20.41
C SER A 212 -0.62 4.33 21.46
N ASP A 213 -0.64 3.77 22.69
CA ASP A 213 -1.43 4.30 23.81
C ASP A 213 -1.06 5.73 24.21
N SER A 214 0.16 6.17 23.89
CA SER A 214 0.66 7.53 24.13
C SER A 214 0.08 8.53 23.11
N CYS A 215 -0.53 8.02 22.02
CA CYS A 215 -1.16 8.84 20.97
C CYS A 215 -2.67 9.01 21.28
N GLN A 216 -3.08 10.22 21.70
CA GLN A 216 -4.46 10.54 22.10
C GLN A 216 -5.51 10.09 21.11
N GLU A 217 -5.29 10.40 19.80
CA GLU A 217 -6.23 10.04 18.71
C GLU A 217 -6.46 8.53 18.63
N TYR A 218 -5.41 7.72 18.88
CA TYR A 218 -5.54 6.27 18.86
C TYR A 218 -6.34 5.80 20.07
N SER A 219 -6.07 6.40 21.26
CA SER A 219 -6.80 6.10 22.51
C SER A 219 -8.28 6.43 22.30
N ASP A 220 -8.56 7.58 21.65
CA ASP A 220 -9.93 8.02 21.34
C ASP A 220 -10.68 6.99 20.48
N TRP A 221 -10.00 6.41 19.47
CA TRP A 221 -10.58 5.37 18.60
C TRP A 221 -10.93 4.10 19.40
N LYS A 222 -9.98 3.61 20.23
CA LYS A 222 -10.19 2.44 21.09
C LYS A 222 -11.36 2.67 22.08
N GLU A 223 -11.62 3.93 22.46
CA GLU A 223 -12.72 4.35 23.34
C GLU A 223 -14.03 4.65 22.56
N LYS A 224 -14.06 4.31 21.24
CA LYS A 224 -15.20 4.45 20.31
C LYS A 224 -15.75 5.89 20.17
N LYS A 225 -14.88 6.91 20.27
CA LYS A 225 -15.29 8.32 20.12
C LYS A 225 -15.38 8.67 18.63
N THR A 226 -16.31 8.02 17.92
CA THR A 226 -16.50 8.17 16.48
C THR A 226 -17.24 9.45 16.12
N TYR A 227 -17.56 10.30 17.12
CA TYR A 227 -18.18 11.61 16.94
C TYR A 227 -17.08 12.62 16.61
N LEU A 228 -15.79 12.19 16.68
CA LEU A 228 -14.59 12.99 16.38
C LEU A 228 -14.07 12.72 14.96
N ASN A 229 -13.28 13.68 14.40
CA ASN A 229 -12.68 13.53 13.08
C ASN A 229 -11.51 12.52 13.18
N PRO A 230 -11.27 11.68 12.15
CA PRO A 230 -11.90 11.65 10.82
C PRO A 230 -13.22 10.90 10.72
N TRP A 231 -13.57 10.11 11.74
CA TRP A 231 -14.70 9.18 11.77
C TRP A 231 -16.07 9.83 11.51
N LYS A 232 -16.29 11.05 12.03
CA LYS A 232 -17.57 11.74 11.82
C LYS A 232 -17.82 12.11 10.35
N LYS A 233 -16.77 12.11 9.52
CA LYS A 233 -16.92 12.38 8.07
C LYS A 233 -17.33 11.11 7.31
N ILE A 234 -17.21 9.94 7.96
CA ILE A 234 -17.43 8.66 7.31
C ILE A 234 -18.82 8.12 7.57
N ASP A 235 -19.48 7.69 6.49
CA ASP A 235 -20.81 7.11 6.53
C ASP A 235 -20.80 5.82 7.37
N SER A 236 -21.93 5.47 8.00
CA SER A 236 -22.10 4.33 8.90
C SER A 236 -21.62 2.97 8.33
N ALA A 237 -21.94 2.67 7.04
CA ALA A 237 -21.55 1.44 6.37
C ALA A 237 -20.01 1.31 6.24
N PRO A 238 -19.24 2.21 5.56
CA PRO A 238 -17.77 2.04 5.55
C PRO A 238 -17.13 2.12 6.94
N LEU A 239 -17.76 2.92 7.87
CA LEU A 239 -17.28 3.02 9.24
C LEU A 239 -17.39 1.68 9.97
N ALA A 240 -18.49 0.90 9.73
CA ALA A 240 -18.64 -0.44 10.32
C ALA A 240 -17.50 -1.36 9.83
N LEU A 241 -17.08 -1.21 8.54
CA LEU A 241 -15.95 -1.99 7.99
C LEU A 241 -14.62 -1.60 8.69
N LEU A 242 -14.41 -0.30 8.87
CA LEU A 242 -13.21 0.24 9.51
C LEU A 242 -13.11 -0.22 10.97
N HIS A 243 -14.27 -0.42 11.66
CA HIS A 243 -14.32 -0.97 13.01
C HIS A 243 -13.84 -2.42 13.02
N LYS A 244 -13.99 -3.13 11.90
CA LYS A 244 -13.53 -4.53 11.82
C LYS A 244 -12.07 -4.65 11.40
N ILE A 245 -11.56 -3.66 10.64
CA ILE A 245 -10.16 -3.65 10.17
C ILE A 245 -9.22 -3.13 11.25
N LEU A 246 -9.55 -1.97 11.82
CA LEU A 246 -8.71 -1.27 12.79
C LEU A 246 -8.92 -1.79 14.24
N VAL A 247 -8.77 -3.11 14.38
CA VAL A 247 -8.88 -3.87 15.63
C VAL A 247 -7.43 -4.11 16.13
N GLU A 248 -7.12 -3.70 17.36
CA GLU A 248 -5.78 -3.79 17.96
C GLU A 248 -5.17 -5.21 17.94
N ASN A 249 -5.92 -6.21 18.42
CA ASN A 249 -5.47 -7.60 18.49
C ASN A 249 -5.51 -8.20 17.06
N PRO A 250 -4.35 -8.46 16.43
CA PRO A 250 -4.35 -9.02 15.07
C PRO A 250 -5.06 -10.36 14.89
N SER A 251 -5.21 -11.16 15.94
CA SER A 251 -5.90 -12.46 15.86
C SER A 251 -7.43 -12.26 15.83
N ALA A 252 -7.92 -11.09 16.29
CA ALA A 252 -9.35 -10.75 16.28
C ALA A 252 -9.73 -9.89 15.05
N ARG A 253 -8.72 -9.37 14.32
CA ARG A 253 -8.87 -8.53 13.14
C ARG A 253 -9.47 -9.31 11.97
N ILE A 254 -10.33 -8.64 11.19
CA ILE A 254 -10.97 -9.21 10.01
C ILE A 254 -9.91 -9.61 8.96
N THR A 255 -10.17 -10.74 8.28
CA THR A 255 -9.31 -11.27 7.23
C THR A 255 -9.88 -10.78 5.90
N ILE A 256 -9.10 -10.87 4.81
CA ILE A 256 -9.59 -10.46 3.48
C ILE A 256 -10.81 -11.32 3.04
N PRO A 257 -10.84 -12.67 3.22
CA PRO A 257 -12.07 -13.43 2.89
C PRO A 257 -13.34 -12.85 3.54
N ASP A 258 -13.26 -12.38 4.82
CA ASP A 258 -14.41 -11.79 5.49
C ASP A 258 -14.68 -10.32 5.07
N ILE A 259 -13.63 -9.52 4.72
CA ILE A 259 -13.79 -8.16 4.16
C ILE A 259 -14.67 -8.28 2.90
N LYS A 260 -14.45 -9.33 2.09
CA LYS A 260 -15.25 -9.59 0.87
C LYS A 260 -16.73 -9.86 1.15
N LYS A 261 -17.10 -10.13 2.42
CA LYS A 261 -18.50 -10.41 2.83
C LYS A 261 -19.13 -9.19 3.52
N ASP A 262 -18.36 -8.10 3.67
CA ASP A 262 -18.79 -6.85 4.31
C ASP A 262 -19.90 -6.13 3.55
N ARG A 263 -20.86 -5.58 4.29
CA ARG A 263 -22.01 -4.86 3.76
C ARG A 263 -21.57 -3.71 2.82
N TRP A 264 -20.64 -2.81 3.27
CA TRP A 264 -20.17 -1.71 2.44
C TRP A 264 -19.38 -2.21 1.24
N TYR A 265 -18.50 -3.24 1.46
CA TYR A 265 -17.74 -3.80 0.36
C TYR A 265 -18.68 -4.27 -0.77
N ASN A 266 -19.86 -4.80 -0.41
CA ASN A 266 -20.84 -5.31 -1.37
C ASN A 266 -21.98 -4.33 -1.69
N LYS A 267 -21.84 -3.06 -1.28
CA LYS A 267 -22.91 -2.08 -1.53
C LYS A 267 -22.87 -1.52 -2.95
N PRO A 268 -23.96 -1.60 -3.73
CA PRO A 268 -23.93 -1.01 -5.07
C PRO A 268 -23.89 0.51 -4.97
N LEU A 269 -22.88 1.13 -5.59
CA LEU A 269 -22.66 2.59 -5.58
C LEU A 269 -22.46 3.08 -7.01
N LYS A 270 -22.91 4.30 -7.31
CA LYS A 270 -22.84 4.93 -8.64
C LYS A 270 -22.51 6.40 -8.50
N LYS A 271 -21.60 6.90 -9.37
CA LYS A 271 -21.16 8.31 -9.45
C LYS A 271 -20.50 8.83 -8.16
N1 ZXP B . 3.68 8.10 -12.57
N3 ZXP B . 7.35 6.26 -4.04
C4 ZXP B . 5.03 7.34 -10.63
C5 ZXP B . 4.39 7.12 -11.85
C6 ZXP B . 3.53 9.43 -12.30
C7 ZXP B . 2.55 10.12 -13.23
C8 ZXP B . 2.85 11.39 -14.05
C10 ZXP B . 5.04 11.50 -15.18
C13 ZXP B . 1.99 11.47 -12.83
C15 ZXP B . 5.87 5.05 -10.77
C17 ZXP B . 7.01 4.05 -8.90
C20 ZXP B . 7.67 6.56 -2.53
C21 ZXP B . 9.04 6.05 -2.11
C22 ZXP B . 7.44 8.03 -2.15
C24 ZXP B . 6.59 5.92 -1.57
CL ZXP B . 7.75 2.65 -8.17
C1 ZXP B . 6.89 5.24 -8.18
N ZXP B . 7.24 5.48 -6.82
C18 ZXP B . 7.60 6.85 -6.44
C19 ZXP B . 8.26 6.87 -5.07
O3 ZXP B . 6.62 6.71 -0.39
C23 ZXP B . 7.04 8.05 -0.68
O2 ZXP B . 6.35 8.56 -2.90
C25 ZXP B . 7.09 4.84 -4.45
C ZXP B . 6.42 4.79 -5.81
C16 ZXP B . 6.52 3.95 -10.17
C3 ZXP B . 5.77 6.27 -10.06
C2 ZXP B . 6.31 6.34 -8.75
C14 ZXP B . 5.17 4.98 -12.02
N2 ZXP B . 4.45 5.95 -12.52
O ZXP B . 4.12 10.03 -11.40
C12 ZXP B . 2.17 11.55 -15.42
C11 ZXP B . 3.13 11.11 -16.51
O1 ZXP B . 4.39 11.81 -16.41
C9 ZXP B . 4.25 12.02 -13.99
#